data_7YZ9
#
_entry.id   7YZ9
#
_cell.length_a   94.793
_cell.length_b   94.793
_cell.length_c   119.655
_cell.angle_alpha   90.000
_cell.angle_beta   90.000
_cell.angle_gamma   120.000
#
_symmetry.space_group_name_H-M   'P 65 2 2'
#
loop_
_entity.id
_entity.type
_entity.pdbx_description
1 polymer 'Adenylate cyclase'
2 polymer 'nanobody NB4'
3 non-polymer 'MANGANESE (II) ION'
4 non-polymer GLYCEROL
5 non-polymer "3'-O-(N-METHYLANTHRANILOYL)-GUANOSINE-5'-TRIPHOSPHATE"
6 water water
#
loop_
_entity_poly.entity_id
_entity_poly.type
_entity_poly.pdbx_seq_one_letter_code
_entity_poly.pdbx_strand_id
1 'polypeptide(L)'
;MGHHHHHHHHHHSSGLEVLFQGPSGHMRDTARAEAVMEAEHDRSEALLANMLPASIAERLKEPERNIIADKYDEASVLFA
DIVGFTERASSTAPADLVRFLDRLYSAFDELVDQHGLEKIKVSGDSYMVVSGVPRPRPDHTQALADFALDMTNVAAQLKD
PRGNPVPLRVGLATGPVVAGVVGSRRFFYDVWGDAVNVASRMESTDSVGQIQVPDEVYERLKDDFVLRERGHINVKGKGV
MRTWYLIGRKVAAD
;
A
2 'polypeptide(L)'
;MAQWQLVESGGGLVQAGGSLRLSCTASGIILSINSMGWYRQTAGNEREWVAFSTAGGSTTYADSVKGRFTISRDNAKNTV
YLQMNSLKPEDTAVYYCNTPAGRVGGTWGQGTPVTVSSHHHHHHEPEA
;
B
#
loop_
_chem_comp.id
_chem_comp.type
_chem_comp.name
_chem_comp.formula
GOL non-polymer GLYCEROL 'C3 H8 O3'
MN non-polymer 'MANGANESE (II) ION' 'Mn 2'
ONM non-polymer 3'-O-(N-METHYLANTHRANILOYL)-GUANOSINE-5'-TRIPHOSPHATE 'C18 H23 N6 O15 P3'
#
# COMPACT_ATOMS: atom_id res chain seq x y z
N ILE A 67 19.30 13.37 -18.75
CA ILE A 67 19.80 13.36 -20.12
C ILE A 67 19.35 12.06 -20.80
N ILE A 68 19.28 10.99 -20.02
CA ILE A 68 18.99 9.65 -20.50
C ILE A 68 17.51 9.40 -20.30
N ALA A 69 16.77 9.30 -21.40
CA ALA A 69 15.32 9.12 -21.37
C ALA A 69 14.95 7.74 -21.87
N ASP A 70 14.06 7.07 -21.14
N ASP A 70 14.06 7.07 -21.14
CA ASP A 70 13.58 5.74 -21.50
CA ASP A 70 13.58 5.74 -21.50
C ASP A 70 12.06 5.79 -21.64
C ASP A 70 12.06 5.79 -21.64
N LYS A 71 11.56 5.21 -22.72
CA LYS A 71 10.13 5.25 -23.05
C LYS A 71 9.46 3.94 -22.65
N TYR A 72 8.37 4.05 -21.90
CA TYR A 72 7.56 2.90 -21.50
C TYR A 72 6.22 2.97 -22.20
N ASP A 73 5.83 1.87 -22.87
CA ASP A 73 4.57 1.85 -23.60
C ASP A 73 3.38 1.83 -22.65
N GLU A 74 3.47 1.06 -21.57
CA GLU A 74 2.39 0.92 -20.62
C GLU A 74 2.90 1.25 -19.23
N ALA A 75 2.13 2.06 -18.52
CA ALA A 75 2.38 2.39 -17.12
C ALA A 75 1.09 2.99 -16.57
N SER A 76 1.00 3.03 -15.25
CA SER A 76 -0.10 3.69 -14.56
C SER A 76 0.47 4.64 -13.52
N VAL A 77 -0.17 5.79 -13.38
CA VAL A 77 0.34 6.89 -12.56
C VAL A 77 -0.74 7.31 -11.57
N LEU A 78 -0.32 7.60 -10.35
CA LEU A 78 -1.20 8.09 -9.30
C LEU A 78 -0.70 9.44 -8.80
N PHE A 79 -1.63 10.37 -8.59
CA PHE A 79 -1.37 11.60 -7.86
C PHE A 79 -2.35 11.66 -6.69
N ALA A 80 -1.82 11.94 -5.50
CA ALA A 80 -2.63 12.13 -4.32
C ALA A 80 -2.32 13.49 -3.72
N ASP A 81 -3.36 14.14 -3.18
CA ASP A 81 -3.23 15.51 -2.73
C ASP A 81 -4.20 15.73 -1.57
N ILE A 82 -3.71 16.39 -0.51
CA ILE A 82 -4.47 16.54 0.72
C ILE A 82 -5.51 17.64 0.53
N VAL A 83 -6.75 17.38 0.92
CA VAL A 83 -7.80 18.39 0.85
C VAL A 83 -7.61 19.39 2.00
N GLY A 84 -7.60 20.68 1.68
CA GLY A 84 -7.63 21.67 2.75
C GLY A 84 -6.38 21.82 3.58
N PHE A 85 -5.20 21.48 3.01
CA PHE A 85 -3.95 21.51 3.76
C PHE A 85 -3.51 22.93 4.13
N THR A 86 -3.84 23.94 3.31
CA THR A 86 -3.56 25.31 3.72
C THR A 86 -4.24 25.63 5.03
N GLU A 87 -5.54 25.36 5.11
CA GLU A 87 -6.31 25.58 6.32
C GLU A 87 -5.81 24.71 7.47
N ARG A 88 -5.40 23.47 7.16
CA ARG A 88 -4.80 22.64 8.18
C ARG A 88 -3.47 23.23 8.65
N ALA A 89 -2.60 23.61 7.71
CA ALA A 89 -1.28 24.12 8.08
C ALA A 89 -1.37 25.46 8.79
N SER A 90 -2.40 26.25 8.50
CA SER A 90 -2.58 27.54 9.17
C SER A 90 -3.21 27.38 10.55
N SER A 91 -3.82 26.24 10.85
CA SER A 91 -4.49 26.00 12.12
C SER A 91 -3.67 25.12 13.06
N THR A 92 -2.53 24.62 12.62
CA THR A 92 -1.74 23.66 13.38
C THR A 92 -0.37 24.24 13.69
N ALA A 93 0.10 24.00 14.92
CA ALA A 93 1.46 24.39 15.28
C ALA A 93 2.45 23.72 14.33
N PRO A 94 3.52 24.41 13.94
CA PRO A 94 4.46 23.83 12.96
C PRO A 94 5.04 22.49 13.37
N ALA A 95 5.36 22.31 14.65
CA ALA A 95 5.93 21.05 15.10
C ALA A 95 4.92 19.90 14.98
N ASP A 96 3.66 20.16 15.34
CA ASP A 96 2.62 19.15 15.21
C ASP A 96 2.27 18.87 13.75
N LEU A 97 2.35 19.90 12.90
CA LEU A 97 2.13 19.67 11.47
C LEU A 97 3.22 18.80 10.88
N VAL A 98 4.48 19.02 11.28
CA VAL A 98 5.57 18.18 10.80
C VAL A 98 5.38 16.75 11.28
N ARG A 99 5.00 16.57 12.55
CA ARG A 99 4.78 15.22 13.08
C ARG A 99 3.63 14.53 12.36
N PHE A 100 2.54 15.25 12.09
CA PHE A 100 1.42 14.66 11.37
C PHE A 100 1.85 14.23 9.97
N LEU A 101 2.48 15.15 9.22
CA LEU A 101 2.87 14.84 7.86
C LEU A 101 3.88 13.69 7.82
N ASP A 102 4.85 13.69 8.74
CA ASP A 102 5.83 12.61 8.78
C ASP A 102 5.15 11.27 9.00
N ARG A 103 4.18 11.22 9.93
CA ARG A 103 3.48 9.97 10.18
C ARG A 103 2.66 9.54 8.97
N LEU A 104 1.98 10.50 8.32
CA LEU A 104 1.19 10.16 7.13
C LEU A 104 2.08 9.68 5.99
N TYR A 105 3.20 10.37 5.76
CA TYR A 105 4.07 10.00 4.65
C TYR A 105 4.90 8.77 4.96
N SER A 106 5.24 8.54 6.22
CA SER A 106 5.91 7.28 6.58
C SER A 106 5.00 6.10 6.33
N ALA A 107 3.70 6.25 6.62
CA ALA A 107 2.73 5.21 6.29
C ALA A 107 2.64 5.03 4.78
N PHE A 108 2.56 6.13 4.03
CA PHE A 108 2.50 6.06 2.58
C PHE A 108 3.75 5.38 2.02
N ASP A 109 4.94 5.80 2.48
CA ASP A 109 6.18 5.20 1.99
C ASP A 109 6.20 3.70 2.24
N GLU A 110 5.82 3.27 3.44
CA GLU A 110 5.74 1.85 3.73
C GLU A 110 4.80 1.14 2.77
N LEU A 111 3.60 1.72 2.57
CA LEU A 111 2.62 1.12 1.69
C LEU A 111 3.15 0.97 0.27
N VAL A 112 3.94 1.94 -0.20
CA VAL A 112 4.46 1.88 -1.56
C VAL A 112 5.38 0.67 -1.73
N ASP A 113 6.33 0.50 -0.80
CA ASP A 113 7.24 -0.63 -0.88
C ASP A 113 6.55 -1.95 -0.62
N GLN A 114 5.54 -1.96 0.26
CA GLN A 114 4.75 -3.17 0.46
C GLN A 114 4.10 -3.63 -0.84
N HIS A 115 3.52 -2.69 -1.58
CA HIS A 115 2.92 -3.00 -2.88
C HIS A 115 3.94 -3.18 -3.98
N GLY A 116 5.21 -2.90 -3.72
CA GLY A 116 6.24 -3.06 -4.73
C GLY A 116 6.21 -2.02 -5.83
N LEU A 117 5.61 -0.86 -5.58
CA LEU A 117 5.54 0.23 -6.52
C LEU A 117 6.70 1.20 -6.30
N GLU A 118 6.64 2.36 -6.93
CA GLU A 118 7.68 3.38 -6.79
C GLU A 118 7.01 4.73 -6.58
N LYS A 119 7.47 5.47 -5.56
CA LYS A 119 7.11 6.87 -5.41
C LYS A 119 8.09 7.70 -6.21
N ILE A 120 7.58 8.51 -7.14
CA ILE A 120 8.42 9.27 -8.05
C ILE A 120 8.65 10.70 -7.56
N LYS A 121 7.60 11.34 -7.03
CA LYS A 121 7.72 12.71 -6.54
C LYS A 121 6.86 12.88 -5.29
N VAL A 122 7.41 13.62 -4.33
CA VAL A 122 6.67 14.15 -3.21
C VAL A 122 6.81 15.66 -3.25
N SER A 123 5.72 16.37 -3.49
CA SER A 123 5.73 17.82 -3.64
C SER A 123 4.76 18.40 -2.61
N GLY A 124 5.32 18.88 -1.50
CA GLY A 124 4.52 19.36 -0.38
C GLY A 124 3.51 18.33 0.06
N ASP A 125 2.23 18.64 -0.11
CA ASP A 125 1.20 17.70 0.26
C ASP A 125 0.70 16.89 -0.94
N SER A 126 1.51 16.81 -1.98
CA SER A 126 1.23 15.97 -3.15
C SER A 126 2.18 14.78 -3.15
N TYR A 127 1.70 13.68 -3.72
CA TYR A 127 2.38 12.39 -3.62
C TYR A 127 2.12 11.61 -4.89
N MET A 128 3.18 11.28 -5.63
CA MET A 128 3.08 10.69 -6.96
C MET A 128 3.68 9.29 -6.96
N VAL A 129 2.89 8.32 -7.42
CA VAL A 129 3.27 6.91 -7.41
C VAL A 129 3.08 6.34 -8.81
N VAL A 130 4.04 5.54 -9.27
CA VAL A 130 3.97 4.92 -10.58
C VAL A 130 4.00 3.40 -10.43
N SER A 131 3.29 2.73 -11.34
CA SER A 131 3.27 1.28 -11.42
C SER A 131 3.73 0.87 -12.81
N GLY A 132 4.67 -0.07 -12.91
CA GLY A 132 5.19 -0.53 -14.21
C GLY A 132 6.50 0.11 -14.61
N VAL A 133 7.11 0.87 -13.71
CA VAL A 133 8.38 1.59 -14.01
C VAL A 133 9.18 1.62 -12.72
N PRO A 134 10.46 1.20 -12.68
CA PRO A 134 11.21 0.80 -13.88
C PRO A 134 10.94 -0.62 -14.37
N ARG A 135 10.21 -1.42 -13.60
CA ARG A 135 9.94 -2.83 -13.96
C ARG A 135 8.53 -2.98 -14.52
N PRO A 136 8.37 -3.30 -15.81
CA PRO A 136 7.02 -3.51 -16.37
C PRO A 136 6.35 -4.72 -15.73
N ARG A 137 5.02 -4.62 -15.61
CA ARG A 137 4.21 -5.71 -15.09
C ARG A 137 2.88 -5.68 -15.81
N PRO A 138 2.32 -6.84 -16.17
CA PRO A 138 1.06 -6.84 -16.93
C PRO A 138 -0.13 -6.34 -16.15
N ASP A 139 -0.10 -6.40 -14.81
CA ASP A 139 -1.19 -5.94 -13.96
C ASP A 139 -0.94 -4.54 -13.41
N HIS A 140 -0.26 -3.67 -14.18
CA HIS A 140 0.21 -2.42 -13.62
C HIS A 140 -0.95 -1.52 -13.21
N THR A 141 -2.04 -1.52 -13.97
CA THR A 141 -3.20 -0.71 -13.60
C THR A 141 -3.91 -1.29 -12.38
N GLN A 142 -4.16 -2.62 -12.40
CA GLN A 142 -4.79 -3.26 -11.26
C GLN A 142 -3.95 -3.10 -10.00
N ALA A 143 -2.62 -3.18 -10.12
CA ALA A 143 -1.75 -3.06 -8.96
C ALA A 143 -1.81 -1.66 -8.37
N LEU A 144 -1.87 -0.63 -9.22
CA LEU A 144 -1.98 0.74 -8.71
C LEU A 144 -3.34 0.99 -8.08
N ALA A 145 -4.38 0.36 -8.61
CA ALA A 145 -5.72 0.55 -8.05
C ALA A 145 -5.80 0.00 -6.63
N ASP A 146 -5.25 -1.19 -6.40
CA ASP A 146 -5.23 -1.75 -5.06
C ASP A 146 -4.42 -0.86 -4.11
N PHE A 147 -3.32 -0.29 -4.60
CA PHE A 147 -2.57 0.64 -3.79
C PHE A 147 -3.40 1.87 -3.46
N ALA A 148 -4.08 2.44 -4.47
CA ALA A 148 -4.87 3.64 -4.26
C ALA A 148 -5.96 3.42 -3.21
N LEU A 149 -6.60 2.24 -3.24
CA LEU A 149 -7.63 1.95 -2.26
C LEU A 149 -7.04 1.81 -0.86
N ASP A 150 -5.89 1.15 -0.74
CA ASP A 150 -5.18 1.10 0.54
C ASP A 150 -4.80 2.51 0.98
N MET A 151 -4.35 3.34 0.05
CA MET A 151 -3.91 4.70 0.38
C MET A 151 -5.05 5.50 1.00
N THR A 152 -6.22 5.50 0.34
CA THR A 152 -7.36 6.26 0.85
C THR A 152 -7.86 5.70 2.18
N ASN A 153 -7.78 4.38 2.37
CA ASN A 153 -8.18 3.80 3.64
C ASN A 153 -7.21 4.18 4.75
N VAL A 154 -5.91 4.24 4.44
CA VAL A 154 -4.93 4.71 5.41
C VAL A 154 -5.24 6.15 5.81
N ALA A 155 -5.52 7.00 4.82
CA ALA A 155 -5.86 8.39 5.12
C ALA A 155 -7.14 8.49 5.94
N ALA A 156 -8.08 7.58 5.73
CA ALA A 156 -9.33 7.63 6.47
C ALA A 156 -9.13 7.22 7.93
N GLN A 157 -8.26 6.23 8.18
N GLN A 157 -8.27 6.23 8.18
CA GLN A 157 -8.04 5.72 9.53
CA GLN A 157 -8.04 5.72 9.53
C GLN A 157 -7.03 6.55 10.31
C GLN A 157 -7.02 6.53 10.31
N LEU A 158 -6.18 7.31 9.63
CA LEU A 158 -5.14 8.10 10.28
C LEU A 158 -5.75 9.43 10.74
N LYS A 159 -5.97 9.56 12.05
CA LYS A 159 -6.56 10.75 12.63
C LYS A 159 -5.48 11.66 13.20
N ASP A 160 -5.67 12.97 13.06
CA ASP A 160 -4.81 13.94 13.69
C ASP A 160 -5.07 13.94 15.20
N PRO A 161 -4.29 14.67 16.00
CA PRO A 161 -4.55 14.70 17.45
C PRO A 161 -5.98 15.11 17.81
N ARG A 162 -6.70 15.70 16.86
CA ARG A 162 -8.10 16.12 17.08
C ARG A 162 -9.09 15.02 16.71
N GLY A 163 -8.66 13.91 16.11
CA GLY A 163 -9.55 12.85 15.72
C GLY A 163 -10.24 13.07 14.39
N ASN A 164 -9.67 13.87 13.49
CA ASN A 164 -10.24 14.06 12.16
C ASN A 164 -9.37 13.37 11.12
N PRO A 165 -9.99 12.70 10.15
CA PRO A 165 -9.19 12.09 9.07
C PRO A 165 -8.61 13.16 8.16
N VAL A 166 -7.69 12.74 7.31
CA VAL A 166 -7.08 13.63 6.34
C VAL A 166 -7.66 13.30 4.97
N PRO A 167 -8.68 14.03 4.51
CA PRO A 167 -9.29 13.71 3.22
C PRO A 167 -8.33 13.99 2.07
N LEU A 168 -8.40 13.13 1.05
CA LEU A 168 -7.53 13.22 -0.10
C LEU A 168 -8.34 13.42 -1.37
N ARG A 169 -7.65 13.94 -2.38
CA ARG A 169 -8.04 13.76 -3.77
C ARG A 169 -7.00 12.84 -4.41
N VAL A 170 -7.47 11.87 -5.19
CA VAL A 170 -6.59 10.90 -5.83
C VAL A 170 -6.99 10.79 -7.30
N GLY A 171 -5.99 10.86 -8.17
CA GLY A 171 -6.22 10.67 -9.59
C GLY A 171 -5.33 9.58 -10.13
N LEU A 172 -5.91 8.73 -10.97
CA LEU A 172 -5.21 7.60 -11.57
C LEU A 172 -5.34 7.68 -13.08
N ALA A 173 -4.28 7.25 -13.78
CA ALA A 173 -4.30 7.20 -15.24
C ALA A 173 -3.35 6.12 -15.69
N THR A 174 -3.56 5.66 -16.92
CA THR A 174 -2.71 4.65 -17.52
C THR A 174 -2.39 5.04 -18.97
N GLY A 175 -1.25 4.57 -19.45
CA GLY A 175 -0.78 4.92 -20.77
C GLY A 175 0.73 5.03 -20.82
N PRO A 176 1.25 5.50 -21.94
CA PRO A 176 2.71 5.57 -22.09
C PRO A 176 3.31 6.68 -21.24
N VAL A 177 4.55 6.46 -20.82
CA VAL A 177 5.33 7.45 -20.07
C VAL A 177 6.76 7.41 -20.60
N VAL A 178 7.52 8.44 -20.24
CA VAL A 178 8.96 8.48 -20.45
C VAL A 178 9.61 8.72 -19.10
N ALA A 179 10.68 7.98 -18.83
CA ALA A 179 11.36 8.05 -17.55
C ALA A 179 12.86 8.23 -17.75
N GLY A 180 13.47 8.98 -16.85
CA GLY A 180 14.90 9.23 -16.94
C GLY A 180 15.49 9.54 -15.58
N VAL A 181 16.80 9.41 -15.50
CA VAL A 181 17.54 9.68 -14.28
C VAL A 181 18.06 11.10 -14.32
N VAL A 182 17.72 11.88 -13.30
CA VAL A 182 18.31 13.19 -13.06
C VAL A 182 19.14 13.04 -11.79
N GLY A 183 20.43 12.75 -11.95
CA GLY A 183 21.23 12.22 -10.86
C GLY A 183 21.39 13.17 -9.68
N SER A 184 21.41 14.47 -9.94
CA SER A 184 21.66 15.44 -8.88
C SER A 184 20.44 15.74 -8.02
N ARG A 185 19.31 15.10 -8.25
CA ARG A 185 18.10 15.32 -7.47
C ARG A 185 17.88 14.17 -6.49
N ARG A 186 17.12 14.51 -5.46
CA ARG A 186 16.66 13.63 -4.37
C ARG A 186 15.73 12.57 -5.00
N PHE A 187 14.70 12.95 -5.77
CA PHE A 187 13.80 12.16 -6.60
C PHE A 187 14.45 12.11 -7.98
N PHE A 188 15.51 11.31 -8.05
CA PHE A 188 16.45 11.25 -9.16
C PHE A 188 15.91 10.49 -10.36
N TYR A 189 14.77 9.83 -10.18
CA TYR A 189 14.12 9.14 -11.32
C TYR A 189 12.85 9.91 -11.65
N ASP A 190 12.84 10.57 -12.80
CA ASP A 190 11.67 11.41 -13.18
C ASP A 190 10.75 10.63 -14.10
N VAL A 191 9.45 10.87 -13.99
CA VAL A 191 8.50 10.24 -14.94
C VAL A 191 7.59 11.33 -15.46
N TRP A 192 7.48 11.44 -16.77
CA TRP A 192 6.60 12.41 -17.40
C TRP A 192 5.94 11.75 -18.60
N GLY A 193 5.04 12.48 -19.25
CA GLY A 193 4.36 11.99 -20.43
C GLY A 193 2.86 11.86 -20.23
N ASP A 194 2.24 11.16 -21.20
CA ASP A 194 0.79 11.15 -21.33
C ASP A 194 0.09 10.72 -20.05
N ALA A 195 0.47 9.56 -19.51
CA ALA A 195 -0.22 9.04 -18.33
C ALA A 195 -0.03 9.95 -17.11
N VAL A 196 1.12 10.61 -17.00
CA VAL A 196 1.34 11.55 -15.92
C VAL A 196 0.44 12.77 -16.07
N ASN A 197 0.33 13.29 -17.30
CA ASN A 197 -0.50 14.47 -17.52
C ASN A 197 -1.97 14.19 -17.26
N VAL A 198 -2.46 13.01 -17.68
CA VAL A 198 -3.85 12.67 -17.44
C VAL A 198 -4.10 12.47 -15.95
N ALA A 199 -3.18 11.78 -15.27
CA ALA A 199 -3.35 11.52 -13.84
C ALA A 199 -3.44 12.82 -13.04
N SER A 200 -2.63 13.82 -13.40
CA SER A 200 -2.68 15.10 -12.71
C SER A 200 -4.01 15.80 -12.96
N ARG A 201 -4.53 15.69 -14.18
N ARG A 201 -4.56 15.68 -14.17
CA ARG A 201 -5.88 16.17 -14.48
CA ARG A 201 -5.89 16.20 -14.44
C ARG A 201 -6.91 15.47 -13.59
C ARG A 201 -6.94 15.47 -13.63
N MET A 202 -6.76 14.16 -13.42
CA MET A 202 -7.73 13.39 -12.64
C MET A 202 -7.72 13.82 -11.17
N GLU A 203 -6.54 14.09 -10.61
CA GLU A 203 -6.48 14.62 -9.26
C GLU A 203 -7.03 16.04 -9.19
N SER A 204 -6.64 16.87 -10.17
CA SER A 204 -7.04 18.28 -10.17
C SER A 204 -8.54 18.45 -10.02
N THR A 205 -9.31 17.77 -10.87
CA THR A 205 -10.76 17.91 -10.92
C THR A 205 -11.49 16.93 -10.00
N ASP A 206 -10.75 16.16 -9.20
CA ASP A 206 -11.36 15.15 -8.34
C ASP A 206 -12.28 15.79 -7.31
N SER A 207 -13.28 15.01 -6.87
CA SER A 207 -14.09 15.37 -5.72
C SER A 207 -13.45 14.82 -4.45
N VAL A 208 -13.74 15.47 -3.32
CA VAL A 208 -13.12 15.12 -2.05
C VAL A 208 -13.40 13.67 -1.71
N GLY A 209 -12.34 12.94 -1.36
CA GLY A 209 -12.46 11.58 -0.86
C GLY A 209 -12.58 10.49 -1.91
N GLN A 210 -12.61 10.84 -3.19
CA GLN A 210 -12.83 9.86 -4.24
C GLN A 210 -11.53 9.59 -5.01
N ILE A 211 -11.54 8.50 -5.77
CA ILE A 211 -10.46 8.14 -6.68
C ILE A 211 -11.01 8.27 -8.09
N GLN A 212 -10.55 9.25 -8.83
CA GLN A 212 -11.10 9.55 -10.15
C GLN A 212 -10.19 9.02 -11.25
N VAL A 213 -10.79 8.36 -12.24
CA VAL A 213 -10.04 7.69 -13.31
C VAL A 213 -10.73 7.93 -14.64
N PRO A 214 -9.96 7.84 -15.74
CA PRO A 214 -10.57 8.00 -17.07
C PRO A 214 -11.04 6.69 -17.68
N ASP A 215 -11.60 6.76 -18.89
CA ASP A 215 -12.14 5.57 -19.56
C ASP A 215 -11.08 4.49 -19.70
N GLU A 216 -9.84 4.87 -20.02
CA GLU A 216 -8.79 3.89 -20.26
C GLU A 216 -8.46 3.09 -19.02
N VAL A 217 -8.56 3.71 -17.84
CA VAL A 217 -8.39 2.98 -16.59
C VAL A 217 -9.63 2.13 -16.31
N TYR A 218 -10.81 2.70 -16.52
CA TYR A 218 -12.06 1.97 -16.30
C TYR A 218 -12.07 0.64 -17.03
N GLU A 219 -11.68 0.65 -18.31
CA GLU A 219 -11.75 -0.57 -19.11
C GLU A 219 -10.80 -1.65 -18.60
N ARG A 220 -9.72 -1.25 -17.93
CA ARG A 220 -8.78 -2.22 -17.39
C ARG A 220 -9.16 -2.72 -16.00
N LEU A 221 -10.01 -1.98 -15.27
CA LEU A 221 -10.38 -2.34 -13.91
C LEU A 221 -11.80 -2.89 -13.79
N LYS A 222 -12.62 -2.77 -14.83
CA LYS A 222 -14.06 -2.94 -14.67
C LYS A 222 -14.46 -4.38 -14.33
N ASP A 223 -13.65 -5.37 -14.70
CA ASP A 223 -14.01 -6.75 -14.40
C ASP A 223 -13.65 -7.16 -12.99
N ASP A 224 -12.67 -6.51 -12.36
CA ASP A 224 -12.25 -6.85 -11.01
C ASP A 224 -12.63 -5.81 -9.97
N PHE A 225 -13.02 -4.61 -10.38
CA PHE A 225 -13.30 -3.52 -9.46
C PHE A 225 -14.67 -2.92 -9.75
N VAL A 226 -15.25 -2.31 -8.72
CA VAL A 226 -16.51 -1.58 -8.87
C VAL A 226 -16.18 -0.11 -9.10
N LEU A 227 -16.77 0.45 -10.15
CA LEU A 227 -16.60 1.86 -10.47
C LEU A 227 -17.94 2.48 -10.78
N ARG A 228 -18.07 3.78 -10.50
N ARG A 228 -18.07 3.78 -10.52
CA ARG A 228 -19.26 4.55 -10.77
CA ARG A 228 -19.28 4.52 -10.79
C ARG A 228 -18.89 5.73 -11.67
C ARG A 228 -18.93 5.75 -11.64
N GLU A 229 -19.68 5.96 -12.72
CA GLU A 229 -19.41 7.08 -13.61
C GLU A 229 -19.71 8.40 -12.90
N ARG A 230 -18.80 9.35 -13.06
CA ARG A 230 -18.99 10.66 -12.45
C ARG A 230 -20.09 11.42 -13.19
N GLY A 231 -21.03 11.97 -12.43
CA GLY A 231 -22.18 12.66 -12.99
C GLY A 231 -21.84 13.94 -13.73
N VAL A 240 -14.37 16.82 -24.59
CA VAL A 240 -15.32 16.05 -23.80
C VAL A 240 -14.60 14.87 -23.16
N MET A 241 -14.93 14.57 -21.90
CA MET A 241 -14.23 13.53 -21.17
C MET A 241 -15.14 12.97 -20.09
N ARG A 242 -15.39 11.66 -20.16
CA ARG A 242 -16.07 10.93 -19.09
C ARG A 242 -15.04 10.39 -18.11
N THR A 243 -15.36 10.49 -16.81
CA THR A 243 -14.49 9.98 -15.76
C THR A 243 -15.29 9.07 -14.83
N TRP A 244 -14.57 8.32 -14.02
CA TRP A 244 -15.16 7.30 -13.16
C TRP A 244 -14.59 7.41 -11.76
N TYR A 245 -15.39 7.00 -10.77
CA TYR A 245 -14.95 6.90 -9.38
C TYR A 245 -14.66 5.44 -9.07
N LEU A 246 -13.45 5.16 -8.58
CA LEU A 246 -13.09 3.81 -8.18
C LEU A 246 -13.59 3.54 -6.77
N ILE A 247 -14.54 2.62 -6.65
CA ILE A 247 -15.20 2.37 -5.37
C ILE A 247 -14.46 1.32 -4.55
N GLY A 248 -14.08 0.22 -5.17
CA GLY A 248 -13.38 -0.82 -4.44
C GLY A 248 -13.30 -2.09 -5.25
N ARG A 249 -12.71 -3.09 -4.63
CA ARG A 249 -12.54 -4.40 -5.24
C ARG A 249 -13.85 -5.18 -5.21
N LYS A 250 -14.14 -5.89 -6.30
CA LYS A 250 -15.27 -6.81 -6.30
C LYS A 250 -15.01 -7.94 -5.32
N VAL A 251 -16.04 -8.30 -4.55
CA VAL A 251 -15.91 -9.46 -3.68
C VAL A 251 -15.96 -10.74 -4.50
N ALA A 252 -16.78 -10.77 -5.54
CA ALA A 252 -16.92 -11.94 -6.40
C ALA A 252 -17.42 -11.49 -7.76
N ALA A 253 -16.91 -12.13 -8.81
CA ALA A 253 -17.31 -11.80 -10.17
C ALA A 253 -18.46 -12.68 -10.64
N GLN B 3 -17.38 -7.31 16.21
CA GLN B 3 -16.08 -6.74 16.53
C GLN B 3 -15.03 -7.13 15.48
N TRP B 4 -14.13 -6.18 15.18
CA TRP B 4 -13.09 -6.38 14.19
C TRP B 4 -11.83 -6.88 14.90
N GLN B 5 -11.41 -8.10 14.59
CA GLN B 5 -10.27 -8.70 15.28
C GLN B 5 -9.42 -9.52 14.31
N LEU B 6 -8.19 -9.76 14.73
CA LEU B 6 -7.22 -10.59 14.01
C LEU B 6 -6.43 -11.35 15.06
N VAL B 7 -6.55 -12.68 15.08
CA VAL B 7 -5.83 -13.50 16.05
C VAL B 7 -4.79 -14.33 15.32
N GLU B 8 -3.53 -14.18 15.73
CA GLU B 8 -2.42 -14.94 15.18
C GLU B 8 -2.23 -16.23 15.96
N SER B 9 -1.63 -17.22 15.30
CA SER B 9 -1.35 -18.50 15.91
C SER B 9 -0.29 -19.22 15.08
N GLY B 10 0.15 -20.38 15.58
CA GLY B 10 1.15 -21.18 14.90
C GLY B 10 2.56 -21.00 15.40
N GLY B 11 2.79 -20.05 16.31
CA GLY B 11 4.12 -19.81 16.82
C GLY B 11 4.58 -20.91 17.76
N GLY B 12 5.85 -20.82 18.15
CA GLY B 12 6.43 -21.80 19.04
C GLY B 12 7.94 -21.80 18.91
N LEU B 13 8.53 -22.84 19.48
CA LEU B 13 9.98 -23.02 19.47
C LEU B 13 10.39 -23.91 18.31
N VAL B 14 11.43 -23.49 17.60
CA VAL B 14 12.08 -24.29 16.56
C VAL B 14 13.57 -24.00 16.62
N GLN B 15 14.36 -24.97 16.18
CA GLN B 15 15.80 -24.73 16.12
C GLN B 15 16.19 -24.27 14.72
N ALA B 16 17.42 -23.76 14.62
CA ALA B 16 17.90 -23.12 13.40
C ALA B 16 17.75 -24.06 12.20
N GLY B 17 17.26 -23.51 11.10
CA GLY B 17 16.96 -24.29 9.92
C GLY B 17 15.58 -24.91 9.91
N GLY B 18 14.80 -24.75 10.99
CA GLY B 18 13.49 -25.34 11.07
C GLY B 18 12.45 -24.59 10.26
N SER B 19 11.20 -25.02 10.42
CA SER B 19 10.09 -24.45 9.66
C SER B 19 8.87 -24.31 10.55
N LEU B 20 8.16 -23.19 10.38
CA LEU B 20 6.91 -22.93 11.08
C LEU B 20 5.89 -22.37 10.10
N ARG B 21 4.61 -22.57 10.40
N ARG B 21 4.61 -22.57 10.42
CA ARG B 21 3.52 -22.03 9.61
CA ARG B 21 3.49 -22.05 9.63
C ARG B 21 2.62 -21.21 10.53
C ARG B 21 2.62 -21.20 10.55
N LEU B 22 2.59 -19.90 10.30
CA LEU B 22 1.77 -18.98 11.07
C LEU B 22 0.45 -18.74 10.34
N SER B 23 -0.63 -18.62 11.10
CA SER B 23 -1.93 -18.28 10.56
C SER B 23 -2.43 -16.99 11.19
N CYS B 24 -3.22 -16.25 10.43
CA CYS B 24 -3.84 -15.01 10.91
C CYS B 24 -5.30 -15.03 10.49
N THR B 25 -6.19 -15.27 11.43
CA THR B 25 -7.60 -15.39 11.13
C THR B 25 -8.27 -14.03 11.30
N ALA B 26 -9.04 -13.63 10.29
CA ALA B 26 -9.72 -12.35 10.28
C ALA B 26 -11.22 -12.53 10.43
N SER B 27 -11.82 -11.70 11.27
CA SER B 27 -13.28 -11.63 11.37
C SER B 27 -13.67 -10.17 11.48
N GLY B 28 -14.76 -9.81 10.81
CA GLY B 28 -15.19 -8.43 10.71
C GLY B 28 -14.85 -7.76 9.41
N ILE B 29 -13.92 -8.31 8.64
CA ILE B 29 -13.59 -7.80 7.32
C ILE B 29 -13.56 -8.96 6.33
N ILE B 30 -13.71 -8.61 5.05
CA ILE B 30 -13.67 -9.56 3.96
C ILE B 30 -12.24 -9.55 3.40
N LEU B 31 -11.55 -10.68 3.54
CA LEU B 31 -10.15 -10.76 3.15
C LEU B 31 -9.95 -10.42 1.69
N SER B 32 -10.85 -10.89 0.82
CA SER B 32 -10.64 -10.78 -0.62
C SER B 32 -10.58 -9.34 -1.13
N ILE B 33 -10.99 -8.36 -0.33
CA ILE B 33 -10.96 -6.96 -0.74
C ILE B 33 -9.97 -6.15 0.07
N ASN B 34 -9.12 -6.80 0.85
CA ASN B 34 -8.16 -6.12 1.71
C ASN B 34 -6.76 -6.66 1.48
N SER B 35 -5.78 -5.78 1.66
CA SER B 35 -4.39 -6.20 1.76
C SER B 35 -4.13 -6.73 3.16
N MET B 36 -3.15 -7.62 3.27
CA MET B 36 -2.73 -8.14 4.57
C MET B 36 -1.21 -8.27 4.59
N GLY B 37 -0.62 -7.85 5.69
CA GLY B 37 0.82 -7.97 5.88
C GLY B 37 1.15 -8.62 7.19
N TRP B 38 2.33 -9.24 7.23
CA TRP B 38 2.89 -9.80 8.46
C TRP B 38 4.02 -8.91 8.94
N TYR B 39 4.11 -8.74 10.27
CA TYR B 39 5.14 -7.90 10.88
C TYR B 39 5.81 -8.65 12.01
N ARG B 40 7.01 -8.18 12.39
CA ARG B 40 7.76 -8.70 13.51
C ARG B 40 8.26 -7.55 14.37
N GLN B 41 8.27 -7.83 15.68
CA GLN B 41 8.81 -6.88 16.66
C GLN B 41 9.83 -7.65 17.47
N THR B 42 11.12 -7.39 17.26
CA THR B 42 12.12 -8.05 18.12
C THR B 42 12.21 -7.23 19.40
N ALA B 43 12.42 -5.93 19.28
CA ALA B 43 12.56 -5.00 20.43
C ALA B 43 13.58 -3.95 20.00
N GLY B 44 14.59 -4.38 19.25
CA GLY B 44 15.58 -3.42 18.73
C GLY B 44 14.91 -2.48 17.77
N ASN B 45 13.59 -2.60 17.62
CA ASN B 45 12.83 -1.68 16.74
C ASN B 45 11.35 -1.85 17.01
N GLU B 46 10.51 -1.22 16.20
CA GLU B 46 9.06 -1.47 16.35
C GLU B 46 8.66 -2.47 15.27
N ARG B 47 7.39 -2.79 15.12
CA ARG B 47 7.05 -3.80 14.12
C ARG B 47 7.47 -3.37 12.72
N GLU B 48 8.37 -4.15 12.13
CA GLU B 48 8.73 -4.04 10.72
C GLU B 48 7.97 -5.10 9.92
N TRP B 49 7.62 -4.76 8.69
CA TRP B 49 6.88 -5.67 7.83
C TRP B 49 7.83 -6.62 7.13
N VAL B 50 7.43 -7.88 7.03
CA VAL B 50 8.29 -8.92 6.46
C VAL B 50 7.62 -9.54 5.24
N ALA B 51 6.29 -9.51 5.20
CA ALA B 51 5.56 -10.11 4.09
C ALA B 51 4.27 -9.33 3.88
N PHE B 52 3.86 -9.24 2.61
CA PHE B 52 2.69 -8.45 2.24
C PHE B 52 2.00 -9.15 1.09
N SER B 53 0.69 -9.26 1.20
CA SER B 53 -0.16 -9.87 0.14
C SER B 53 -1.28 -8.89 -0.21
N THR B 54 -1.35 -8.43 -1.46
CA THR B 54 -2.43 -7.51 -1.87
C THR B 54 -3.68 -8.31 -2.20
N ALA B 55 -4.79 -7.64 -2.47
CA ALA B 55 -6.03 -8.36 -2.82
C ALA B 55 -5.99 -8.97 -4.22
N GLY B 56 -5.09 -8.51 -5.09
CA GLY B 56 -4.96 -9.10 -6.42
C GLY B 56 -4.00 -10.26 -6.41
N GLY B 57 -3.37 -10.54 -5.28
CA GLY B 57 -2.44 -11.67 -5.15
C GLY B 57 -0.98 -11.31 -5.29
N SER B 58 -0.61 -10.02 -5.34
CA SER B 58 0.83 -9.70 -5.44
C SER B 58 1.50 -9.97 -4.11
N THR B 59 2.72 -10.51 -4.10
CA THR B 59 3.38 -10.67 -2.82
C THR B 59 4.72 -9.96 -2.87
N THR B 60 5.09 -9.34 -1.75
CA THR B 60 6.41 -8.77 -1.59
C THR B 60 6.87 -9.07 -0.18
N TYR B 61 8.19 -9.19 -0.02
CA TYR B 61 8.76 -9.54 1.27
C TYR B 61 9.93 -8.62 1.57
N ALA B 62 10.24 -8.50 2.85
CA ALA B 62 11.46 -7.81 3.25
C ALA B 62 12.66 -8.55 2.69
N ASP B 63 13.74 -7.80 2.45
CA ASP B 63 14.94 -8.40 1.86
C ASP B 63 15.51 -9.50 2.76
N SER B 64 15.35 -9.37 4.08
CA SER B 64 15.98 -10.31 5.00
C SER B 64 15.31 -11.67 4.99
N VAL B 65 14.04 -11.74 4.61
CA VAL B 65 13.26 -12.98 4.71
C VAL B 65 12.85 -13.53 3.36
N LYS B 66 13.09 -12.82 2.26
CA LYS B 66 12.60 -13.26 0.95
C LYS B 66 13.33 -14.52 0.52
N GLY B 67 12.60 -15.43 -0.13
CA GLY B 67 13.09 -16.74 -0.45
C GLY B 67 12.89 -17.77 0.65
N ARG B 68 12.78 -17.32 1.90
CA ARG B 68 12.58 -18.22 3.03
C ARG B 68 11.16 -18.17 3.57
N PHE B 69 10.47 -17.04 3.46
CA PHE B 69 9.09 -16.91 3.90
C PHE B 69 8.17 -16.85 2.69
N THR B 70 6.94 -17.34 2.86
CA THR B 70 5.92 -17.26 1.83
C THR B 70 4.59 -16.90 2.49
N ILE B 71 3.97 -15.83 2.02
CA ILE B 71 2.66 -15.41 2.48
C ILE B 71 1.61 -15.92 1.49
N SER B 72 0.46 -16.33 2.00
CA SER B 72 -0.59 -16.88 1.15
C SER B 72 -1.94 -16.65 1.82
N ARG B 73 -3.00 -16.84 1.04
CA ARG B 73 -4.36 -16.53 1.46
C ARG B 73 -5.25 -17.77 1.40
N ASP B 74 -6.32 -17.72 2.17
CA ASP B 74 -7.43 -18.67 2.08
C ASP B 74 -8.70 -17.86 2.31
N ASN B 75 -9.41 -17.55 1.21
CA ASN B 75 -10.56 -16.67 1.31
C ASN B 75 -11.76 -17.36 1.96
N ALA B 76 -11.89 -18.67 1.79
CA ALA B 76 -12.94 -19.41 2.47
C ALA B 76 -12.81 -19.28 3.97
N LYS B 77 -11.65 -19.67 4.51
CA LYS B 77 -11.39 -19.51 5.93
C LYS B 77 -11.15 -18.07 6.35
N ASN B 78 -11.04 -17.14 5.39
CA ASN B 78 -10.76 -15.74 5.67
C ASN B 78 -9.49 -15.60 6.50
N THR B 79 -8.43 -16.23 6.01
CA THR B 79 -7.20 -16.41 6.78
C THR B 79 -5.99 -16.19 5.88
N VAL B 80 -4.93 -15.64 6.47
CA VAL B 80 -3.66 -15.43 5.80
C VAL B 80 -2.59 -16.25 6.51
N TYR B 81 -1.68 -16.84 5.74
CA TYR B 81 -0.65 -17.72 6.29
C TYR B 81 0.74 -17.15 6.00
N LEU B 82 1.68 -17.52 6.87
CA LEU B 82 3.09 -17.19 6.69
C LEU B 82 3.89 -18.47 6.92
N GLN B 83 4.25 -19.15 5.83
CA GLN B 83 5.14 -20.30 5.92
C GLN B 83 6.57 -19.80 6.07
N MET B 84 7.23 -20.22 7.14
CA MET B 84 8.58 -19.77 7.46
C MET B 84 9.54 -20.95 7.32
N ASN B 85 10.54 -20.80 6.45
CA ASN B 85 11.53 -21.85 6.21
C ASN B 85 12.93 -21.31 6.43
N SER B 86 13.86 -22.24 6.68
CA SER B 86 15.27 -21.90 6.90
C SER B 86 15.41 -20.85 8.01
N LEU B 87 14.77 -21.12 9.13
CA LEU B 87 14.66 -20.12 10.20
C LEU B 87 16.01 -19.87 10.85
N LYS B 88 16.26 -18.61 11.21
CA LYS B 88 17.50 -18.12 11.75
C LYS B 88 17.27 -17.48 13.12
N PRO B 89 18.30 -17.42 13.98
CA PRO B 89 18.13 -16.72 15.27
C PRO B 89 17.67 -15.28 15.10
N GLU B 90 18.04 -14.63 14.00
N GLU B 90 18.04 -14.64 14.00
CA GLU B 90 17.61 -13.27 13.73
CA GLU B 90 17.61 -13.27 13.73
C GLU B 90 16.10 -13.17 13.49
C GLU B 90 16.10 -13.18 13.50
N ASP B 91 15.43 -14.30 13.27
CA ASP B 91 14.00 -14.32 13.02
C ASP B 91 13.17 -14.41 14.30
N THR B 92 13.81 -14.58 15.45
CA THR B 92 13.09 -14.65 16.72
C THR B 92 12.36 -13.33 16.98
N ALA B 93 11.04 -13.39 17.11
CA ALA B 93 10.25 -12.19 17.35
C ALA B 93 8.81 -12.58 17.63
N VAL B 94 7.99 -11.58 17.94
CA VAL B 94 6.55 -11.70 17.97
C VAL B 94 6.02 -11.27 16.62
N TYR B 95 5.19 -12.11 16.01
CA TYR B 95 4.66 -11.83 14.69
C TYR B 95 3.19 -11.44 14.77
N TYR B 96 2.84 -10.37 14.08
CA TYR B 96 1.46 -9.91 13.96
C TYR B 96 1.10 -9.74 12.50
N CYS B 97 -0.18 -9.89 12.21
CA CYS B 97 -0.74 -9.54 10.91
C CYS B 97 -1.58 -8.29 11.05
N ASN B 98 -1.73 -7.55 9.96
CA ASN B 98 -2.58 -6.37 10.01
C ASN B 98 -2.86 -5.88 8.60
N THR B 99 -4.01 -5.23 8.45
CA THR B 99 -4.31 -4.47 7.25
C THR B 99 -3.56 -3.14 7.28
N PRO B 100 -3.45 -2.46 6.14
CA PRO B 100 -2.88 -1.10 6.17
C PRO B 100 -3.62 -0.17 7.13
N ALA B 101 -4.94 -0.28 7.20
CA ALA B 101 -5.71 0.57 8.10
C ALA B 101 -5.42 0.26 9.56
N GLY B 102 -5.31 -1.03 9.90
CA GLY B 102 -4.99 -1.40 11.26
C GLY B 102 -3.60 -0.96 11.68
N ARG B 103 -2.65 -0.99 10.73
CA ARG B 103 -1.28 -0.61 11.05
C ARG B 103 -1.18 0.87 11.39
N VAL B 104 -1.78 1.74 10.56
CA VAL B 104 -1.73 3.17 10.83
C VAL B 104 -2.68 3.52 11.98
N GLY B 105 -3.72 2.73 12.18
CA GLY B 105 -4.63 2.94 13.29
C GLY B 105 -4.14 2.42 14.63
N GLY B 106 -3.05 1.67 14.64
CA GLY B 106 -2.52 1.13 15.88
C GLY B 106 -3.32 0.00 16.48
N THR B 107 -4.27 -0.56 15.74
CA THR B 107 -5.07 -1.70 16.22
C THR B 107 -4.33 -2.98 15.86
N TRP B 108 -3.81 -3.66 16.88
CA TRP B 108 -3.06 -4.89 16.71
C TRP B 108 -3.69 -6.01 17.53
N GLY B 109 -3.54 -7.23 17.05
CA GLY B 109 -3.84 -8.40 17.84
C GLY B 109 -2.75 -8.63 18.87
N GLN B 110 -2.83 -9.77 19.53
CA GLN B 110 -1.81 -10.14 20.52
C GLN B 110 -0.61 -10.84 19.89
N GLY B 111 -0.72 -11.28 18.64
CA GLY B 111 0.41 -11.86 17.95
C GLY B 111 0.69 -13.30 18.34
N THR B 112 1.81 -13.81 17.82
CA THR B 112 2.23 -15.18 18.08
C THR B 112 3.75 -15.22 18.23
N PRO B 113 4.27 -15.91 19.25
CA PRO B 113 5.72 -15.91 19.47
C PRO B 113 6.43 -16.95 18.63
N VAL B 114 7.56 -16.54 18.06
CA VAL B 114 8.45 -17.43 17.30
C VAL B 114 9.84 -17.31 17.91
N THR B 115 10.37 -18.42 18.39
CA THR B 115 11.66 -18.45 19.06
C THR B 115 12.57 -19.45 18.35
N VAL B 116 13.76 -19.00 17.98
CA VAL B 116 14.72 -19.80 17.22
C VAL B 116 15.92 -20.05 18.14
N SER B 117 16.03 -21.27 18.67
CA SER B 117 17.13 -21.63 19.56
C SER B 117 17.15 -23.15 19.70
N SER B 118 17.99 -23.63 20.61
CA SER B 118 18.21 -25.07 20.81
C SER B 118 17.58 -25.49 22.12
N HIS B 119 16.50 -26.27 22.04
CA HIS B 119 15.89 -26.86 23.22
C HIS B 119 15.20 -28.19 22.86
MN MN C . -4.47 19.71 -1.61
MN MN D . 10.07 11.18 6.26
MN MN E . -1.17 20.17 -3.50
C1 GOL F . 4.94 4.18 9.42
O1 GOL F . 5.73 3.54 10.36
C2 GOL F . 3.54 4.37 10.05
O2 GOL F . 3.37 3.57 11.16
C3 GOL F . 3.46 5.86 10.40
O3 GOL F . 2.13 6.13 10.67
C1 GOL G . 13.83 8.55 -2.10
O1 GOL G . 14.18 9.80 -1.61
C2 GOL G . 13.61 8.70 -3.62
O2 GOL G . 14.81 8.80 -4.31
C3 GOL G . 12.81 7.45 -4.04
O3 GOL G . 12.30 7.69 -5.31
CA7 ONM H . 1.02 28.10 6.70
NA1 ONM H . 1.56 27.33 5.62
CA6 ONM H . 2.49 27.80 4.79
CA5 ONM H . 3.52 28.57 5.30
CA4 ONM H . 4.50 29.05 4.45
CA3 ONM H . 4.45 28.80 3.11
CA2 ONM H . 3.42 28.04 2.59
CA1 ONM H . 2.43 27.52 3.39
CA ONM H . 1.33 26.71 2.84
OA ONM H . 0.33 26.57 3.49
O3' ONM H . 1.46 26.22 1.59
C3' ONM H . 0.34 25.50 1.04
C2' ONM H . -0.62 26.66 0.96
O2' ONM H . -0.95 27.62 1.92
C4' ONM H . 0.09 25.03 -0.44
C5' ONM H . -1.11 24.11 -0.65
O5' ONM H . -1.56 24.01 -2.05
PA ONM H . -2.82 23.16 -2.59
O3A ONM H . -3.06 23.48 -3.98
O2A ONM H . -2.69 21.74 -2.26
O1A ONM H . -4.06 23.66 -1.76
PB ONM H . -4.92 23.05 -0.58
O3B ONM H . -4.97 24.00 0.49
O2B ONM H . -4.46 21.66 -0.37
O1B ONM H . -6.35 22.98 -1.23
PG ONM H . -6.98 21.90 -2.12
O2G ONM H . -8.00 21.38 -1.31
O3G ONM H . -5.92 20.94 -2.36
O1G ONM H . -7.48 22.53 -3.27
O4' ONM H . -0.16 26.25 -1.17
C1' ONM H . 0.01 27.28 -0.25
N9 ONM H . -0.62 28.55 -0.52
C8 ONM H . -1.91 28.84 -0.28
N7 ONM H . -2.19 30.09 -0.53
C5 ONM H . -1.00 30.64 -0.91
C4 ONM H . 0.00 29.70 -0.89
N3 ONM H . 1.30 29.87 -1.21
C2 ONM H . 1.56 31.13 -1.56
N2 ONM H . 2.81 31.48 -1.89
N1 ONM H . 0.63 32.13 -1.60
C6 ONM H . -0.70 31.96 -1.29
O6 ONM H . -1.47 32.90 -1.34
#